data_5DIN
#
_entry.id   5DIN
#
_cell.length_a   46.969
_cell.length_b   69.399
_cell.length_c   52.249
_cell.angle_alpha   90.00
_cell.angle_beta   115.41
_cell.angle_gamma   90.00
#
_symmetry.space_group_name_H-M   'P 1 21 1'
#
loop_
_entity.id
_entity.type
_entity.pdbx_description
1 polymer 'Ligand of Numb protein X 2'
2 non-polymer 'ZINC ION'
3 non-polymer '2-(N-MORPHOLINO)-ETHANESULFONIC ACID'
4 water water
#
_entity_poly.entity_id   1
_entity_poly.type   'polypeptide(L)'
_entity_poly.pdbx_seq_one_letter_code
;EFNPLCFECGQQHWTRENHLYNYQNEVDDDLVCHICLQPLLQPLDTPCGHTFCYKCLRNFLQEKDFCPLDRKRLHFKLCK
KSSILVHKLLDKLLVLCPFSSVCKDVMQRCDLEAHLKNRCPGASHRRVAL
;
_entity_poly.pdbx_strand_id   A,B
#
loop_
_chem_comp.id
_chem_comp.type
_chem_comp.name
_chem_comp.formula
MES non-polymer '2-(N-MORPHOLINO)-ETHANESULFONIC ACID' 'C6 H13 N O4 S'
ZN non-polymer 'ZINC ION' 'Zn 2'
#
# COMPACT_ATOMS: atom_id res chain seq x y z
N PRO A 4 11.60 31.63 9.23
CA PRO A 4 12.34 30.81 8.26
C PRO A 4 11.66 29.45 8.07
N LEU A 5 10.41 29.35 8.49
CA LEU A 5 9.60 28.12 8.35
C LEU A 5 9.49 27.67 6.89
N CYS A 6 9.40 26.35 6.67
CA CYS A 6 9.12 25.85 5.33
C CYS A 6 7.78 26.39 4.88
N PHE A 7 7.70 26.86 3.64
CA PHE A 7 6.46 27.39 3.11
C PHE A 7 5.47 26.30 2.72
N GLU A 8 5.94 25.07 2.58
CA GLU A 8 5.06 23.98 2.15
C GLU A 8 4.39 23.23 3.30
N CYS A 9 5.05 23.18 4.46
CA CYS A 9 4.56 22.38 5.58
C CYS A 9 4.44 23.21 6.87
N GLY A 10 5.01 24.41 6.85
CA GLY A 10 4.89 25.31 7.99
C GLY A 10 5.73 24.96 9.20
N GLN A 11 6.77 24.15 8.99
CA GLN A 11 7.68 23.76 10.07
C GLN A 11 9.15 23.93 9.66
N GLN A 12 10.05 23.90 10.62
CA GLN A 12 11.48 24.14 10.36
C GLN A 12 12.22 22.86 9.99
N HIS A 13 12.95 22.89 8.88
CA HIS A 13 13.79 21.76 8.48
C HIS A 13 14.77 22.13 7.36
N TRP A 14 15.89 21.42 7.29
CA TRP A 14 16.81 21.60 6.17
C TRP A 14 16.21 21.07 4.87
N THR A 15 16.74 21.57 3.75
CA THR A 15 16.34 21.10 2.43
C THR A 15 16.57 19.60 2.27
N ARG A 16 17.64 19.13 2.90
CA ARG A 16 18.09 17.76 2.82
C ARG A 16 17.20 16.83 3.66
N GLU A 17 16.32 17.44 4.46
CA GLU A 17 15.42 16.69 5.34
C GLU A 17 13.97 16.79 4.88
N ASN A 18 13.14 15.87 5.37
CA ASN A 18 11.73 15.83 5.00
C ASN A 18 10.91 16.97 5.57
N HIS A 19 9.82 17.32 4.87
CA HIS A 19 8.75 18.09 5.50
C HIS A 19 8.28 17.34 6.74
N LEU A 20 7.75 18.09 7.70
CA LEU A 20 7.26 17.53 8.95
C LEU A 20 5.77 17.79 9.00
N TYR A 21 5.03 16.81 9.52
CA TYR A 21 3.58 16.94 9.66
C TYR A 21 3.11 16.46 11.02
N ASN A 22 1.98 16.99 11.46
CA ASN A 22 1.35 16.50 12.67
C ASN A 22 0.12 15.71 12.27
N TYR A 23 0.23 14.39 12.28
CA TYR A 23 -0.84 13.53 11.75
C TYR A 23 -1.97 13.40 12.75
N GLN A 24 -3.22 13.50 12.29
CA GLN A 24 -4.34 13.39 13.22
C GLN A 24 -4.42 12.01 13.86
N ASN A 25 -4.31 10.98 13.03
CA ASN A 25 -4.52 9.62 13.53
C ASN A 25 -3.23 8.80 13.54
N GLU A 26 -3.28 7.62 14.15
CA GLU A 26 -2.13 6.73 14.15
C GLU A 26 -1.98 6.13 12.76
N VAL A 27 -0.87 6.39 12.08
CA VAL A 27 -0.68 5.90 10.72
C VAL A 27 -0.21 4.46 10.74
N ASP A 28 -0.76 3.63 9.84
CA ASP A 28 -0.40 2.22 9.74
C ASP A 28 1.12 2.05 9.62
N ASP A 29 1.69 1.15 10.43
CA ASP A 29 3.13 0.96 10.48
C ASP A 29 3.78 0.69 9.13
N ASP A 30 3.07 0.04 8.22
CA ASP A 30 3.65 -0.30 6.94
C ASP A 30 3.76 0.91 5.98
N LEU A 31 3.10 2.01 6.33
CA LEU A 31 3.28 3.27 5.58
C LEU A 31 4.33 4.15 6.25
N VAL A 32 4.91 3.65 7.32
CA VAL A 32 5.92 4.38 8.08
C VAL A 32 7.35 3.96 7.71
N CYS A 33 8.13 4.94 7.30
CA CYS A 33 9.51 4.76 6.85
C CYS A 33 10.37 4.14 7.96
N HIS A 34 11.09 3.06 7.66
CA HIS A 34 11.97 2.41 8.65
C HIS A 34 13.06 3.32 9.19
N ILE A 35 13.51 4.28 8.37
CA ILE A 35 14.64 5.11 8.77
C ILE A 35 14.26 6.25 9.72
N CYS A 36 13.29 7.07 9.30
CA CYS A 36 12.88 8.25 10.08
C CYS A 36 11.74 7.95 11.04
N LEU A 37 11.05 6.82 10.83
CA LEU A 37 9.86 6.47 11.61
C LEU A 37 8.72 7.49 11.51
N GLN A 38 8.64 8.17 10.35
CA GLN A 38 7.49 9.01 10.04
C GLN A 38 6.85 8.44 8.79
N PRO A 39 5.57 8.75 8.54
CA PRO A 39 4.96 8.28 7.29
C PRO A 39 5.76 8.72 6.07
N LEU A 40 5.92 7.79 5.14
CA LEU A 40 6.75 7.95 3.95
C LEU A 40 6.49 9.24 3.16
N LEU A 41 7.56 9.87 2.69
CA LEU A 41 7.49 11.05 1.83
C LEU A 41 8.36 10.79 0.62
N GLN A 42 7.82 11.01 -0.58
CA GLN A 42 8.53 10.71 -1.83
C GLN A 42 9.10 9.30 -1.78
N PRO A 43 8.22 8.29 -1.61
CA PRO A 43 8.72 6.93 -1.42
C PRO A 43 9.46 6.34 -2.62
N LEU A 44 10.55 5.66 -2.33
CA LEU A 44 11.30 4.90 -3.33
C LEU A 44 11.21 3.41 -3.01
N ASP A 45 11.03 2.59 -4.03
CA ASP A 45 11.12 1.14 -3.84
C ASP A 45 12.52 0.66 -4.16
N THR A 46 13.02 -0.26 -3.34
CA THR A 46 14.32 -0.88 -3.57
C THR A 46 14.15 -2.12 -4.43
N PRO A 47 15.25 -2.66 -4.98
CA PRO A 47 15.13 -3.93 -5.72
C PRO A 47 14.70 -5.08 -4.82
N CYS A 48 15.06 -5.01 -3.54
CA CYS A 48 14.70 -6.05 -2.57
C CYS A 48 13.25 -5.94 -2.11
N GLY A 49 12.53 -4.95 -2.63
CA GLY A 49 11.10 -4.84 -2.35
C GLY A 49 10.71 -3.95 -1.18
N HIS A 50 11.69 -3.34 -0.53
CA HIS A 50 11.40 -2.42 0.57
C HIS A 50 11.22 -0.98 0.06
N THR A 51 10.72 -0.13 0.96
CA THR A 51 10.32 1.25 0.63
C THR A 51 10.78 2.22 1.70
N PHE A 52 11.45 3.29 1.27
CA PHE A 52 11.99 4.29 2.19
C PHE A 52 11.76 5.67 1.56
N CYS A 53 11.79 6.72 2.38
CA CYS A 53 11.74 8.10 1.85
C CYS A 53 12.93 8.37 0.95
N TYR A 54 12.71 9.09 -0.16
CA TYR A 54 13.81 9.56 -0.99
C TYR A 54 14.92 10.19 -0.15
N LYS A 55 14.57 11.18 0.65
CA LYS A 55 15.58 11.92 1.39
C LYS A 55 16.29 11.08 2.45
N CYS A 56 15.52 10.25 3.15
CA CYS A 56 16.09 9.34 4.13
C CYS A 56 17.05 8.35 3.48
N LEU A 57 16.67 7.80 2.33
CA LEU A 57 17.52 6.82 1.67
C LEU A 57 18.76 7.47 1.06
N ARG A 58 18.59 8.65 0.47
CA ARG A 58 19.71 9.37 -0.12
C ARG A 58 20.76 9.62 0.97
N ASN A 59 20.29 10.07 2.13
CA ASN A 59 21.21 10.41 3.24
C ASN A 59 21.88 9.18 3.81
N PHE A 60 21.09 8.13 3.97
CA PHE A 60 21.56 6.87 4.53
C PHE A 60 22.63 6.21 3.65
N LEU A 61 22.43 6.24 2.33
CA LEU A 61 23.36 5.57 1.42
C LEU A 61 24.68 6.34 1.26
N GLN A 62 24.77 7.53 1.84
CA GLN A 62 26.05 8.23 1.88
C GLN A 62 26.95 7.61 2.94
N GLU A 63 26.35 6.92 3.89
CA GLU A 63 27.06 6.39 5.06
C GLU A 63 27.09 4.86 5.08
N LYS A 64 26.09 4.24 4.50
CA LYS A 64 25.93 2.78 4.54
C LYS A 64 25.61 2.30 3.13
N ASP A 65 25.77 1.00 2.88
CA ASP A 65 25.51 0.49 1.54
C ASP A 65 24.60 -0.73 1.51
N PHE A 66 23.88 -0.96 2.61
CA PHE A 66 22.99 -2.13 2.71
C PHE A 66 21.59 -1.79 3.21
N CYS A 67 20.59 -2.48 2.65
CA CYS A 67 19.23 -2.37 3.16
C CYS A 67 19.19 -2.86 4.61
N PRO A 68 18.59 -2.06 5.50
CA PRO A 68 18.65 -2.45 6.92
C PRO A 68 17.73 -3.63 7.25
N LEU A 69 16.73 -3.86 6.42
CA LEU A 69 15.77 -4.93 6.68
C LEU A 69 16.29 -6.29 6.25
N ASP A 70 17.14 -6.32 5.23
CA ASP A 70 17.59 -7.61 4.69
C ASP A 70 19.10 -7.72 4.46
N ARG A 71 19.82 -6.64 4.72
CA ARG A 71 21.28 -6.62 4.57
C ARG A 71 21.77 -6.80 3.13
N LYS A 72 20.87 -6.64 2.16
CA LYS A 72 21.25 -6.75 0.75
C LYS A 72 21.89 -5.46 0.25
N ARG A 73 22.77 -5.57 -0.73
CA ARG A 73 23.46 -4.41 -1.29
C ARG A 73 22.46 -3.47 -1.98
N LEU A 74 22.62 -2.18 -1.75
CA LEU A 74 21.64 -1.20 -2.20
C LEU A 74 22.28 -0.05 -2.95
N HIS A 75 21.89 0.16 -4.20
CA HIS A 75 22.35 1.31 -4.98
C HIS A 75 21.20 2.29 -5.19
N PHE A 76 21.43 3.55 -4.83
CA PHE A 76 20.40 4.59 -4.94
C PHE A 76 19.83 4.71 -6.34
N LYS A 77 20.69 4.66 -7.36
CA LYS A 77 20.27 4.81 -8.75
C LYS A 77 19.34 3.69 -9.21
N LEU A 78 19.36 2.56 -8.50
CA LEU A 78 18.51 1.44 -8.87
C LEU A 78 17.16 1.49 -8.18
N CYS A 79 17.02 2.41 -7.22
CA CYS A 79 15.75 2.57 -6.55
C CYS A 79 14.79 3.37 -7.43
N LYS A 80 13.51 3.02 -7.38
CA LYS A 80 12.53 3.64 -8.27
C LYS A 80 11.37 4.20 -7.48
N LYS A 81 10.72 5.23 -8.01
CA LYS A 81 9.53 5.80 -7.39
C LYS A 81 8.48 4.71 -7.12
N SER A 82 7.87 4.73 -5.94
CA SER A 82 6.83 3.77 -5.61
C SER A 82 5.60 3.94 -6.50
N SER A 83 4.68 2.97 -6.46
CA SER A 83 3.54 2.95 -7.36
C SER A 83 2.56 4.09 -7.09
N ILE A 84 1.67 4.31 -8.05
CA ILE A 84 0.60 5.30 -7.92
C ILE A 84 -0.24 5.02 -6.67
N LEU A 85 -0.62 3.76 -6.49
CA LEU A 85 -1.35 3.30 -5.30
C LEU A 85 -0.74 3.81 -3.99
N VAL A 86 0.58 3.60 -3.83
CA VAL A 86 1.26 3.97 -2.60
C VAL A 86 1.21 5.48 -2.37
N HIS A 87 1.45 6.22 -3.43
CA HIS A 87 1.38 7.68 -3.37
C HIS A 87 -0.02 8.15 -3.00
N LYS A 88 -1.04 7.48 -3.52
CA LYS A 88 -2.43 7.83 -3.20
C LYS A 88 -2.74 7.67 -1.72
N LEU A 89 -2.25 6.57 -1.13
CA LEU A 89 -2.52 6.27 0.28
C LEU A 89 -1.83 7.30 1.17
N LEU A 90 -0.64 7.71 0.76
CA LEU A 90 0.12 8.66 1.55
C LEU A 90 -0.45 10.05 1.42
N ASP A 91 -0.93 10.41 0.24
CA ASP A 91 -1.46 11.75 -0.01
C ASP A 91 -2.69 12.07 0.83
N LYS A 92 -3.52 11.06 1.09
CA LYS A 92 -4.78 11.28 1.79
C LYS A 92 -4.69 11.21 3.33
N LEU A 93 -3.51 10.90 3.85
CA LEU A 93 -3.30 10.85 5.29
C LEU A 93 -3.64 12.21 5.96
N LEU A 94 -4.45 12.19 7.01
CA LEU A 94 -4.95 13.44 7.58
C LEU A 94 -3.94 14.10 8.51
N VAL A 95 -3.69 15.39 8.30
CA VAL A 95 -2.76 16.16 9.13
C VAL A 95 -3.45 17.39 9.74
N LEU A 96 -2.91 17.89 10.86
CA LEU A 96 -3.44 19.12 11.45
C LEU A 96 -2.54 20.28 11.04
N CYS A 97 -3.15 21.44 10.83
CA CYS A 97 -2.37 22.63 10.52
C CYS A 97 -1.43 22.89 11.69
N PRO A 98 -0.15 23.19 11.40
CA PRO A 98 0.86 23.41 12.44
C PRO A 98 0.64 24.70 13.24
N PHE A 99 -0.10 25.65 12.67
CA PHE A 99 -0.34 26.92 13.36
C PHE A 99 -1.53 26.85 14.31
N SER A 100 -1.42 25.97 15.29
CA SER A 100 -2.50 25.63 16.22
C SER A 100 -3.01 26.82 17.04
N SER A 101 -2.27 27.93 17.03
CA SER A 101 -2.65 29.14 17.74
C SER A 101 -3.92 29.79 17.18
N VAL A 102 -4.09 29.69 15.86
CA VAL A 102 -5.22 30.30 15.18
C VAL A 102 -6.08 29.26 14.50
N CYS A 103 -5.40 28.28 13.91
CA CYS A 103 -6.03 27.39 12.96
C CYS A 103 -6.15 25.98 13.51
N LYS A 104 -7.35 25.41 13.38
CA LYS A 104 -7.61 24.04 13.82
C LYS A 104 -8.04 23.18 12.65
N ASP A 105 -7.64 23.58 11.44
CA ASP A 105 -7.98 22.82 10.24
C ASP A 105 -7.32 21.46 10.20
N VAL A 106 -8.06 20.47 9.69
CA VAL A 106 -7.55 19.14 9.45
C VAL A 106 -7.74 18.88 7.95
N MET A 107 -6.70 18.41 7.27
CA MET A 107 -6.85 18.16 5.83
C MET A 107 -5.93 17.05 5.36
N GLN A 108 -6.13 16.58 4.13
CA GLN A 108 -5.22 15.61 3.55
C GLN A 108 -3.83 16.20 3.41
N ARG A 109 -2.80 15.37 3.62
CA ARG A 109 -1.42 15.83 3.57
C ARG A 109 -1.09 16.57 2.29
N CYS A 110 -1.56 16.05 1.15
CA CYS A 110 -1.30 16.69 -0.14
C CYS A 110 -1.95 18.08 -0.28
N ASP A 111 -2.87 18.41 0.63
CA ASP A 111 -3.59 19.68 0.56
C ASP A 111 -3.04 20.76 1.50
N LEU A 112 -2.10 20.40 2.38
CA LEU A 112 -1.62 21.35 3.37
C LEU A 112 -0.93 22.57 2.76
N GLU A 113 -0.13 22.32 1.72
CA GLU A 113 0.63 23.40 1.09
C GLU A 113 -0.26 24.53 0.57
N ALA A 114 -1.33 24.17 -0.12
CA ALA A 114 -2.25 25.16 -0.66
C ALA A 114 -2.95 25.93 0.46
N HIS A 115 -3.32 25.23 1.52
CA HIS A 115 -3.93 25.85 2.70
C HIS A 115 -3.01 26.90 3.33
N LEU A 116 -1.74 26.56 3.50
CA LEU A 116 -0.78 27.49 4.09
C LEU A 116 -0.52 28.66 3.16
N LYS A 117 -0.33 28.38 1.89
CA LYS A 117 0.04 29.43 0.94
C LYS A 117 -1.11 30.40 0.64
N ASN A 118 -2.34 29.91 0.66
CA ASN A 118 -3.47 30.69 0.18
C ASN A 118 -4.50 31.10 1.23
N ARG A 119 -4.58 30.35 2.31
CA ARG A 119 -5.73 30.50 3.18
C ARG A 119 -5.42 30.69 4.66
N CYS A 120 -4.34 30.10 5.15
CA CYS A 120 -4.10 30.10 6.60
C CYS A 120 -3.64 31.46 7.15
N PRO A 121 -4.39 32.00 8.10
CA PRO A 121 -3.98 33.28 8.69
C PRO A 121 -2.76 33.10 9.57
N GLY A 122 -2.51 31.87 10.03
CA GLY A 122 -1.37 31.63 10.90
C GLY A 122 -0.04 31.62 10.17
N ALA A 123 -0.09 31.43 8.86
CA ALA A 123 1.12 31.38 8.03
C ALA A 123 1.47 32.75 7.46
N GLU B 1 -15.52 -34.99 -1.12
CA GLU B 1 -14.20 -35.21 -1.72
C GLU B 1 -14.13 -34.84 -3.22
N PHE B 2 -15.26 -34.82 -3.93
CA PHE B 2 -15.23 -34.31 -5.30
C PHE B 2 -15.50 -32.81 -5.37
N ASN B 3 -14.69 -32.12 -6.18
CA ASN B 3 -14.75 -30.65 -6.35
C ASN B 3 -14.85 -29.91 -5.01
N PRO B 4 -13.91 -30.20 -4.09
CA PRO B 4 -14.06 -29.66 -2.74
C PRO B 4 -13.74 -28.18 -2.73
N LEU B 5 -14.00 -27.55 -1.59
CA LEU B 5 -13.73 -26.15 -1.40
C LEU B 5 -12.23 -25.93 -1.38
N CYS B 6 -11.79 -24.72 -1.72
CA CYS B 6 -10.37 -24.36 -1.64
C CYS B 6 -9.90 -24.52 -0.19
N PHE B 7 -8.74 -25.16 0.00
CA PHE B 7 -8.21 -25.40 1.33
C PHE B 7 -7.67 -24.13 1.96
N GLU B 8 -7.36 -23.14 1.14
CA GLU B 8 -6.68 -21.93 1.63
C GLU B 8 -7.64 -20.78 1.97
N CYS B 9 -8.77 -20.71 1.27
CA CYS B 9 -9.74 -19.63 1.51
C CYS B 9 -11.12 -20.14 1.94
N GLY B 10 -11.33 -21.45 1.86
CA GLY B 10 -12.58 -22.06 2.29
C GLY B 10 -13.77 -21.77 1.40
N GLN B 11 -13.53 -21.27 0.19
CA GLN B 11 -14.63 -21.00 -0.73
C GLN B 11 -14.49 -21.76 -2.06
N GLN B 12 -15.55 -21.81 -2.85
CA GLN B 12 -15.52 -22.58 -4.08
C GLN B 12 -14.99 -21.74 -5.24
N HIS B 13 -13.86 -22.16 -5.82
CA HIS B 13 -13.34 -21.52 -7.02
C HIS B 13 -12.31 -22.40 -7.74
N TRP B 14 -12.11 -22.15 -9.03
CA TRP B 14 -11.11 -22.87 -9.79
C TRP B 14 -9.72 -22.28 -9.55
N THR B 15 -8.69 -23.04 -9.89
CA THR B 15 -7.32 -22.64 -9.61
C THR B 15 -6.93 -21.35 -10.35
N ARG B 16 -7.47 -21.18 -11.56
CA ARG B 16 -7.20 -19.98 -12.35
C ARG B 16 -7.98 -18.74 -11.89
N GLU B 17 -8.82 -18.91 -10.87
CA GLU B 17 -9.61 -17.82 -10.30
C GLU B 17 -9.03 -17.39 -8.95
N ASN B 18 -9.27 -16.14 -8.56
CA ASN B 18 -8.79 -15.64 -7.28
C ASN B 18 -9.39 -16.38 -6.10
N HIS B 19 -8.66 -16.39 -4.99
CA HIS B 19 -9.27 -16.77 -3.74
C HIS B 19 -10.41 -15.79 -3.43
N LEU B 20 -11.36 -16.23 -2.63
CA LEU B 20 -12.51 -15.40 -2.29
C LEU B 20 -12.54 -15.11 -0.79
N TYR B 21 -12.84 -13.86 -0.44
CA TYR B 21 -12.90 -13.45 0.97
C TYR B 21 -14.18 -12.69 1.25
N ASN B 22 -14.69 -12.83 2.47
CA ASN B 22 -15.79 -12.02 2.95
C ASN B 22 -15.28 -10.90 3.83
N TYR B 23 -15.15 -9.69 3.30
CA TYR B 23 -14.54 -8.59 4.07
C TYR B 23 -15.49 -8.02 5.12
N GLN B 24 -14.96 -7.79 6.32
CA GLN B 24 -15.80 -7.29 7.41
C GLN B 24 -16.19 -5.83 7.20
N ASN B 25 -15.27 -5.05 6.66
CA ASN B 25 -15.46 -3.61 6.55
C ASN B 25 -15.27 -3.13 5.12
N GLU B 26 -15.63 -1.87 4.86
CA GLU B 26 -15.36 -1.26 3.57
C GLU B 26 -13.85 -1.21 3.40
N VAL B 27 -13.37 -1.66 2.26
CA VAL B 27 -11.94 -1.58 1.99
C VAL B 27 -11.67 -0.28 1.22
N ASP B 28 -10.57 0.38 1.54
CA ASP B 28 -10.12 1.57 0.82
C ASP B 28 -10.12 1.30 -0.69
N ASP B 29 -10.77 2.15 -1.47
CA ASP B 29 -10.90 1.91 -2.91
C ASP B 29 -9.56 1.84 -3.63
N ASP B 30 -8.54 2.49 -3.07
CA ASP B 30 -7.21 2.44 -3.67
C ASP B 30 -6.56 1.06 -3.55
N LEU B 31 -7.12 0.19 -2.72
CA LEU B 31 -6.61 -1.18 -2.56
C LEU B 31 -7.48 -2.17 -3.33
N VAL B 32 -8.47 -1.66 -4.07
CA VAL B 32 -9.37 -2.51 -4.84
C VAL B 32 -8.92 -2.59 -6.30
N CYS B 33 -8.83 -3.83 -6.80
CA CYS B 33 -8.50 -4.10 -8.20
C CYS B 33 -9.58 -3.53 -9.11
N HIS B 34 -9.19 -2.78 -10.13
CA HIS B 34 -10.14 -2.18 -11.06
C HIS B 34 -10.75 -3.23 -11.98
N ILE B 35 -10.13 -4.40 -12.07
CA ILE B 35 -10.62 -5.41 -12.99
C ILE B 35 -11.69 -6.26 -12.34
N CYS B 36 -11.40 -6.79 -11.16
CA CYS B 36 -12.33 -7.71 -10.52
C CYS B 36 -13.19 -7.00 -9.46
N LEU B 37 -12.77 -5.79 -9.10
CA LEU B 37 -13.49 -4.97 -8.10
C LEU B 37 -13.49 -5.60 -6.71
N GLN B 38 -12.49 -6.43 -6.44
CA GLN B 38 -12.27 -6.92 -5.08
C GLN B 38 -10.93 -6.40 -4.60
N PRO B 39 -10.67 -6.46 -3.29
CA PRO B 39 -9.32 -6.14 -2.82
C PRO B 39 -8.25 -6.99 -3.50
N LEU B 40 -7.16 -6.34 -3.91
CA LEU B 40 -6.05 -6.95 -4.64
C LEU B 40 -5.51 -8.23 -4.04
N LEU B 41 -5.27 -9.20 -4.91
CA LEU B 41 -4.65 -10.47 -4.51
C LEU B 41 -3.47 -10.68 -5.43
N GLN B 42 -2.30 -10.98 -4.86
CA GLN B 42 -1.07 -11.12 -5.63
C GLN B 42 -0.86 -9.89 -6.53
N PRO B 43 -0.81 -8.70 -5.93
CA PRO B 43 -0.72 -7.50 -6.78
C PRO B 43 0.52 -7.47 -7.67
N LEU B 44 0.33 -6.99 -8.91
CA LEU B 44 1.42 -6.74 -9.85
C LEU B 44 1.36 -5.29 -10.26
N ASP B 45 2.52 -4.70 -10.50
CA ASP B 45 2.60 -3.31 -10.96
C ASP B 45 2.88 -3.28 -12.46
N THR B 46 2.20 -2.39 -13.18
CA THR B 46 2.44 -2.21 -14.61
C THR B 46 3.53 -1.13 -14.83
N PRO B 47 4.10 -1.05 -16.05
CA PRO B 47 5.09 0.02 -16.22
C PRO B 47 4.46 1.41 -16.09
N CYS B 48 3.15 1.51 -16.33
CA CYS B 48 2.43 2.79 -16.21
C CYS B 48 2.09 3.15 -14.76
N GLY B 49 2.53 2.32 -13.83
CA GLY B 49 2.39 2.61 -12.41
C GLY B 49 1.11 2.10 -11.79
N HIS B 50 0.32 1.35 -12.56
CA HIS B 50 -0.94 0.83 -12.08
C HIS B 50 -0.78 -0.54 -11.46
N THR B 51 -1.79 -0.97 -10.69
CA THR B 51 -1.71 -2.21 -9.91
C THR B 51 -2.98 -3.04 -10.08
N PHE B 52 -2.82 -4.31 -10.42
CA PHE B 52 -3.96 -5.23 -10.59
C PHE B 52 -3.63 -6.59 -9.98
N CYS B 53 -4.65 -7.40 -9.71
CA CYS B 53 -4.40 -8.78 -9.30
C CYS B 53 -3.60 -9.52 -10.37
N TYR B 54 -2.67 -10.38 -9.96
CA TYR B 54 -1.94 -11.19 -10.93
C TYR B 54 -2.90 -11.97 -11.83
N LYS B 55 -3.88 -12.64 -11.24
CA LYS B 55 -4.78 -13.46 -12.06
C LYS B 55 -5.73 -12.65 -12.94
N CYS B 56 -6.09 -11.45 -12.49
CA CYS B 56 -7.00 -10.64 -13.26
C CYS B 56 -6.28 -10.07 -14.48
N LEU B 57 -5.07 -9.58 -14.26
CA LEU B 57 -4.28 -9.00 -15.35
C LEU B 57 -3.88 -10.05 -16.38
N ARG B 58 -3.46 -11.23 -15.91
CA ARG B 58 -3.06 -12.29 -16.84
C ARG B 58 -4.23 -12.68 -17.72
N ASN B 59 -5.41 -12.84 -17.12
CA ASN B 59 -6.60 -13.18 -17.89
C ASN B 59 -6.98 -12.06 -18.86
N PHE B 60 -6.92 -10.83 -18.38
CA PHE B 60 -7.23 -9.67 -19.21
C PHE B 60 -6.30 -9.58 -20.43
N LEU B 61 -5.02 -9.87 -20.25
CA LEU B 61 -4.05 -9.67 -21.32
C LEU B 61 -3.99 -10.84 -22.32
N GLN B 62 -4.86 -11.82 -22.11
CA GLN B 62 -4.95 -12.94 -23.05
C GLN B 62 -5.47 -12.46 -24.40
N GLU B 63 -6.44 -11.55 -24.38
CA GLU B 63 -7.03 -11.07 -25.62
C GLU B 63 -6.90 -9.54 -25.76
N LYS B 64 -6.43 -8.88 -24.69
CA LYS B 64 -6.23 -7.44 -24.71
C LYS B 64 -4.74 -7.09 -24.64
N ASP B 65 -4.42 -5.85 -25.03
CA ASP B 65 -3.06 -5.45 -25.36
C ASP B 65 -2.64 -4.23 -24.57
N PHE B 66 -3.47 -3.82 -23.63
CA PHE B 66 -3.28 -2.51 -23.01
C PHE B 66 -3.71 -2.48 -21.56
N CYS B 67 -3.35 -1.39 -20.88
CA CYS B 67 -3.76 -1.15 -19.51
C CYS B 67 -5.18 -0.63 -19.50
N PRO B 68 -6.07 -1.29 -18.76
CA PRO B 68 -7.49 -0.91 -18.78
C PRO B 68 -7.78 0.50 -18.28
N LEU B 69 -6.85 1.12 -17.56
CA LEU B 69 -7.08 2.46 -17.03
C LEU B 69 -6.67 3.59 -17.99
N ASP B 70 -5.65 3.35 -18.82
CA ASP B 70 -5.10 4.44 -19.64
C ASP B 70 -4.86 4.06 -21.10
N ARG B 71 -5.17 2.82 -21.43
CA ARG B 71 -4.99 2.30 -22.80
C ARG B 71 -3.56 2.36 -23.34
N LYS B 72 -2.57 2.53 -22.47
CA LYS B 72 -1.17 2.43 -22.91
C LYS B 72 -0.85 0.96 -23.19
N ARG B 73 0.05 0.70 -24.14
CA ARG B 73 0.44 -0.66 -24.47
C ARG B 73 0.91 -1.40 -23.22
N LEU B 74 0.45 -2.64 -23.06
CA LEU B 74 0.80 -3.38 -21.86
C LEU B 74 1.13 -4.82 -22.18
N HIS B 75 2.29 -5.26 -21.73
CA HIS B 75 2.69 -6.66 -21.89
C HIS B 75 2.80 -7.31 -20.51
N PHE B 76 2.26 -8.51 -20.38
CA PHE B 76 2.25 -9.18 -19.07
C PHE B 76 3.67 -9.42 -18.58
N LYS B 77 4.59 -9.70 -19.49
CA LYS B 77 5.97 -10.02 -19.12
C LYS B 77 6.72 -8.84 -18.53
N LEU B 78 6.21 -7.64 -18.79
CA LEU B 78 6.86 -6.42 -18.28
C LEU B 78 6.28 -5.97 -16.94
N CYS B 79 5.34 -6.75 -16.41
CA CYS B 79 4.72 -6.45 -15.13
C CYS B 79 5.58 -7.00 -14.00
N LYS B 80 5.47 -6.41 -12.82
CA LYS B 80 6.31 -6.84 -11.71
C LYS B 80 5.50 -6.96 -10.44
N LYS B 81 5.94 -7.86 -9.57
CA LYS B 81 5.29 -8.06 -8.28
C LYS B 81 5.33 -6.73 -7.52
N SER B 82 4.22 -6.35 -6.90
CA SER B 82 4.14 -5.08 -6.18
C SER B 82 5.02 -5.14 -4.94
N SER B 83 5.32 -3.98 -4.36
CA SER B 83 6.22 -3.90 -3.20
C SER B 83 5.77 -4.74 -2.01
N ILE B 84 6.70 -4.98 -1.08
CA ILE B 84 6.38 -5.68 0.16
C ILE B 84 5.31 -4.91 0.92
N LEU B 85 5.44 -3.58 0.96
CA LEU B 85 4.50 -2.78 1.75
C LEU B 85 3.06 -2.89 1.26
N VAL B 86 2.86 -3.03 -0.05
CA VAL B 86 1.52 -3.17 -0.57
C VAL B 86 0.95 -4.51 -0.14
N HIS B 87 1.77 -5.56 -0.23
CA HIS B 87 1.36 -6.88 0.25
C HIS B 87 0.98 -6.84 1.72
N LYS B 88 1.76 -6.09 2.50
CA LYS B 88 1.55 -6.03 3.94
C LYS B 88 0.24 -5.33 4.30
N LEU B 89 -0.10 -4.28 3.56
CA LEU B 89 -1.37 -3.60 3.79
C LEU B 89 -2.56 -4.50 3.47
N LEU B 90 -2.44 -5.25 2.39
CA LEU B 90 -3.50 -6.15 1.95
C LEU B 90 -3.69 -7.30 2.93
N ASP B 91 -2.59 -7.85 3.42
CA ASP B 91 -2.62 -8.95 4.38
C ASP B 91 -3.47 -8.66 5.63
N LYS B 92 -3.47 -7.41 6.08
CA LYS B 92 -4.16 -7.08 7.33
C LYS B 92 -5.66 -6.74 7.21
N LEU B 93 -6.21 -6.71 5.98
CA LEU B 93 -7.65 -6.48 5.80
C LEU B 93 -8.45 -7.56 6.57
N LEU B 94 -9.45 -7.15 7.34
CA LEU B 94 -10.17 -8.14 8.16
C LEU B 94 -11.20 -8.90 7.34
N VAL B 95 -11.24 -10.23 7.52
CA VAL B 95 -12.21 -11.04 6.81
C VAL B 95 -12.98 -11.93 7.80
N LEU B 96 -14.14 -12.40 7.37
CA LEU B 96 -14.94 -13.30 8.17
C LEU B 96 -14.69 -14.73 7.71
N CYS B 97 -14.66 -15.68 8.63
CA CYS B 97 -14.53 -17.07 8.21
C CYS B 97 -15.73 -17.43 7.35
N PRO B 98 -15.48 -18.13 6.23
CA PRO B 98 -16.53 -18.52 5.30
C PRO B 98 -17.48 -19.56 5.88
N PHE B 99 -17.08 -20.23 6.96
CA PHE B 99 -17.93 -21.29 7.53
C PHE B 99 -18.84 -20.73 8.62
N SER B 100 -19.70 -19.82 8.19
CA SER B 100 -20.42 -18.92 9.08
C SER B 100 -21.46 -19.60 9.96
N SER B 101 -21.88 -20.80 9.58
CA SER B 101 -22.84 -21.54 10.39
C SER B 101 -22.21 -22.11 11.65
N VAL B 102 -20.90 -22.33 11.62
CA VAL B 102 -20.24 -23.01 12.73
C VAL B 102 -19.12 -22.20 13.36
N CYS B 103 -18.72 -21.13 12.68
CA CYS B 103 -17.57 -20.34 13.10
C CYS B 103 -17.80 -18.85 12.87
N LYS B 104 -17.53 -18.02 13.88
CA LYS B 104 -17.74 -16.58 13.71
C LYS B 104 -16.46 -15.77 13.85
N ASP B 105 -15.31 -16.41 13.66
CA ASP B 105 -14.05 -15.71 13.82
C ASP B 105 -13.83 -14.65 12.76
N VAL B 106 -13.23 -13.54 13.19
CA VAL B 106 -12.77 -12.50 12.28
C VAL B 106 -11.25 -12.46 12.41
N MET B 107 -10.54 -12.31 11.30
CA MET B 107 -9.08 -12.32 11.34
C MET B 107 -8.51 -11.55 10.16
N GLN B 108 -7.21 -11.29 10.20
CA GLN B 108 -6.54 -10.69 9.05
C GLN B 108 -6.54 -11.67 7.89
N ARG B 109 -6.58 -11.13 6.67
CA ARG B 109 -6.73 -11.97 5.48
C ARG B 109 -5.58 -12.98 5.38
N CYS B 110 -4.40 -12.56 5.80
CA CYS B 110 -3.20 -13.40 5.67
C CYS B 110 -3.26 -14.55 6.65
N ASP B 111 -4.16 -14.44 7.63
CA ASP B 111 -4.29 -15.48 8.66
C ASP B 111 -5.38 -16.51 8.38
N LEU B 112 -6.20 -16.30 7.34
CA LEU B 112 -7.31 -17.22 7.07
C LEU B 112 -6.85 -18.64 6.77
N GLU B 113 -5.78 -18.76 5.99
CA GLU B 113 -5.25 -20.07 5.65
C GLU B 113 -4.86 -20.87 6.90
N ALA B 114 -4.13 -20.23 7.81
CA ALA B 114 -3.71 -20.86 9.06
C ALA B 114 -4.91 -21.19 9.98
N HIS B 115 -5.92 -20.32 9.96
CA HIS B 115 -7.15 -20.55 10.72
C HIS B 115 -7.84 -21.82 10.26
N LEU B 116 -8.04 -21.93 8.96
CA LEU B 116 -8.67 -23.12 8.38
C LEU B 116 -7.85 -24.38 8.67
N LYS B 117 -6.53 -24.26 8.59
CA LYS B 117 -5.66 -25.41 8.83
C LYS B 117 -5.57 -25.82 10.31
N ASN B 118 -5.47 -24.83 11.20
CA ASN B 118 -5.12 -25.08 12.60
C ASN B 118 -6.25 -24.95 13.62
N ARG B 119 -7.35 -24.30 13.24
CA ARG B 119 -8.38 -23.92 14.22
C ARG B 119 -9.82 -24.25 13.84
N CYS B 120 -10.20 -23.97 12.59
CA CYS B 120 -11.61 -23.94 12.23
C CYS B 120 -12.29 -25.30 12.36
N PRO B 121 -13.43 -25.33 13.05
CA PRO B 121 -14.25 -26.54 13.15
C PRO B 121 -14.95 -26.84 11.85
N GLY B 122 -14.99 -25.86 10.95
CA GLY B 122 -15.76 -25.97 9.72
C GLY B 122 -14.99 -26.51 8.53
N ALA B 123 -13.66 -26.55 8.63
CA ALA B 123 -12.83 -27.02 7.51
C ALA B 123 -12.63 -28.54 7.45
N SER B 124 -12.15 -28.98 6.28
CA SER B 124 -11.86 -30.40 6.04
C SER B 124 -10.52 -30.58 5.33
ZN ZN C . 11.89 8.47 6.02
ZN ZN D . 15.56 -4.73 1.60
ZN ZN E . 8.61 21.57 4.74
ZN ZN F . -4.07 26.71 9.05
ZN ZN G . -13.49 -20.72 10.90
ZN ZN H . -9.14 -20.12 -2.44
ZN ZN I . -8.51 -8.41 -9.48
ZN ZN J . -2.00 2.03 -16.67
O1 MES K . -10.01 -14.09 -10.58
C2 MES K . -9.32 -14.23 -11.83
C3 MES K . -10.22 -14.75 -12.96
N4 MES K . -11.40 -13.88 -13.02
C5 MES K . -11.96 -13.32 -11.81
C6 MES K . -11.43 -14.20 -10.68
C7 MES K . -11.99 -13.60 -14.34
C8 MES K . -13.43 -13.12 -14.14
S MES K . -14.26 -13.25 -15.60
O1S MES K . -13.35 -12.99 -16.73
O2S MES K . -15.38 -12.27 -15.62
O3S MES K . -14.80 -14.63 -15.67
#